data_4PWV
#
_entry.id   4PWV
#
_cell.length_a   95.260
_cell.length_b   95.260
_cell.length_c   336.800
_cell.angle_alpha   90.00
_cell.angle_beta   90.00
_cell.angle_gamma   120.00
#
_symmetry.space_group_name_H-M   'P 61 2 2'
#
loop_
_entity.id
_entity.type
_entity.pdbx_description
1 polymer 'P450 monooxygenase'
2 polymer 'Peptide synthetase'
3 non-polymer 'PROTOPORPHYRIN IX CONTAINING FE'
4 non-polymer 'S-[2-({N-[(2R)-2-hydroxy-3,3-dimethyl-4-(phosphonooxy)butanoyl]-beta-alanyl}amino)ethyl] 1H-imidazole-4-carbothioate'
#
loop_
_entity_poly.entity_id
_entity_poly.type
_entity_poly.pdbx_seq_one_letter_code
_entity_poly.pdbx_strand_id
1 'polypeptide(L)'
;(MSE)GSSHHHHHHSSGLVPRGSHSGH(MSE)TAHTLPIPDDISTINLTDPRTYEVNDLSEYWRQLRTTRPLYWHPPVGD
APGFWVVSRYADV(MSE)ALYKDNKKLTSEKGNVLVTLLAGGDSAAGK(MSE)LAVTDGA(MSE)HRGLRNVLLKSFSPQ
ALKPIVDQIRVNTTRLVVDAARRGECDFAADVAEQIPLNTISDLLGVPAADREFLLKLNKSALSSEDADQSATDAWLARN
EILLYFSELVAERRAKPTEDVISVLANS(MSE)VDGKPLTEEVIVLNCYSLILGGDETSRLS(MSE)IDSVQTFTQYPDQ
WELLRDGKVTLESATEEVLRWATPA(MSE)HFGRRAVTD(MSE)ELHGQVIAAGDVVTLWNNSANRDEEVFADPYAFDLN
RSPNKHITFGYGPHFCLGAYLGRAEVHALLDALRTYTTGFEITGEPQRIHSNFLTGLSRLPVRIQPNEAAIAAYDSDNGV
RS
;
A
2 'polypeptide(L)'
;GPDGREPRNETESRLRRIFEEVLHSEDVDVEANFFELGGHSLQATKLVSRIRSEFDAELPLRDFFEHPNVAGLAVLIGGA
AALEHHHHHH
;
B
#
loop_
_chem_comp.id
_chem_comp.type
_chem_comp.name
_chem_comp.formula
HEM non-polymer 'PROTOPORPHYRIN IX CONTAINING FE' 'C34 H32 Fe N4 O4'
KH4 non-polymer 'S-[2-({N-[(2R)-2-hydroxy-3,3-dimethyl-4-(phosphonooxy)butanoyl]-beta-alanyl}amino)ethyl] 1H-imidazole-4-carbothioate' 'C15 H25 N4 O8 P S'
#
# COMPACT_ATOMS: atom_id res chain seq x y z
N PRO A 30 -10.79 -5.79 24.29
CA PRO A 30 -12.17 -6.30 24.26
C PRO A 30 -12.40 -7.25 23.09
N ILE A 31 -12.95 -8.43 23.38
CA ILE A 31 -13.15 -9.50 22.39
C ILE A 31 -14.65 -9.68 22.05
N PRO A 32 -15.13 -9.07 20.93
CA PRO A 32 -16.54 -9.14 20.54
C PRO A 32 -17.01 -10.56 20.24
N ASP A 33 -18.30 -10.82 20.48
CA ASP A 33 -18.84 -12.18 20.46
C ASP A 33 -19.77 -12.46 19.28
N ASP A 34 -20.55 -11.45 18.88
CA ASP A 34 -21.53 -11.63 17.80
C ASP A 34 -21.08 -11.03 16.47
N ILE A 35 -21.33 -11.78 15.40
CA ILE A 35 -20.91 -11.43 14.04
C ILE A 35 -21.59 -10.16 13.51
N SER A 36 -22.92 -10.13 13.62
CA SER A 36 -23.78 -9.14 12.95
C SER A 36 -23.44 -7.67 13.19
N THR A 37 -22.89 -7.36 14.36
CA THR A 37 -22.60 -5.97 14.76
C THR A 37 -21.13 -5.56 14.55
N ILE A 38 -20.52 -6.09 13.50
CA ILE A 38 -19.13 -5.77 13.16
C ILE A 38 -19.03 -5.21 11.74
N ASN A 39 -18.61 -3.96 11.66
CA ASN A 39 -18.45 -3.28 10.37
C ASN A 39 -16.99 -3.24 9.95
N LEU A 40 -16.64 -4.05 8.96
CA LEU A 40 -15.25 -4.18 8.51
C LEU A 40 -14.77 -3.00 7.66
N THR A 41 -15.72 -2.23 7.14
CA THR A 41 -15.40 -1.06 6.32
C THR A 41 -14.97 0.12 7.17
N ASP A 42 -15.43 0.15 8.42
CA ASP A 42 -15.08 1.21 9.36
C ASP A 42 -13.74 0.92 10.02
N PRO A 43 -12.78 1.86 9.89
CA PRO A 43 -11.46 1.75 10.51
C PRO A 43 -11.50 1.63 12.04
N ARG A 44 -12.50 2.23 12.67
CA ARG A 44 -12.66 2.21 14.13
C ARG A 44 -12.73 0.79 14.70
N THR A 45 -13.28 -0.13 13.91
CA THR A 45 -13.45 -1.53 14.30
C THR A 45 -12.13 -2.20 14.71
N TYR A 46 -11.06 -1.86 13.98
CA TYR A 46 -9.76 -2.50 14.19
C TYR A 46 -8.97 -1.85 15.32
N GLU A 47 -9.38 -0.65 15.72
CA GLU A 47 -8.73 0.06 16.82
C GLU A 47 -9.27 -0.41 18.17
N VAL A 48 -10.59 -0.55 18.27
CA VAL A 48 -11.25 -0.79 19.55
C VAL A 48 -11.82 -2.22 19.73
N ASN A 49 -11.35 -3.15 18.91
CA ASN A 49 -11.73 -4.57 19.03
C ASN A 49 -10.54 -5.51 18.84
N ASP A 50 -10.56 -6.62 19.57
CA ASP A 50 -9.68 -7.75 19.30
C ASP A 50 -10.50 -8.78 18.53
N LEU A 51 -10.21 -8.92 17.24
CA LEU A 51 -11.08 -9.65 16.33
C LEU A 51 -10.78 -11.15 16.23
N SER A 52 -9.90 -11.64 17.11
CA SER A 52 -9.49 -13.05 17.09
C SER A 52 -10.67 -14.03 17.18
N GLU A 53 -11.65 -13.73 18.04
CA GLU A 53 -12.84 -14.56 18.17
C GLU A 53 -13.78 -14.42 16.97
N TYR A 54 -13.87 -13.19 16.46
CA TYR A 54 -14.66 -12.88 15.27
C TYR A 54 -14.21 -13.70 14.06
N TRP A 55 -12.90 -13.72 13.81
CA TRP A 55 -12.33 -14.49 12.70
C TRP A 55 -12.40 -15.99 12.93
N ARG A 56 -12.21 -16.41 14.19
CA ARG A 56 -12.31 -17.83 14.56
C ARG A 56 -13.70 -18.37 14.27
N GLN A 57 -14.71 -17.57 14.60
CA GLN A 57 -16.10 -17.94 14.39
C GLN A 57 -16.43 -17.96 12.90
N LEU A 58 -15.85 -17.02 12.15
CA LEU A 58 -16.01 -16.96 10.70
C LEU A 58 -15.35 -18.15 10.02
N ARG A 59 -14.13 -18.45 10.45
CA ARG A 59 -13.39 -19.61 9.94
C ARG A 59 -14.13 -20.94 10.15
N THR A 60 -14.76 -21.09 11.30
CA THR A 60 -15.34 -22.39 11.70
C THR A 60 -16.77 -22.62 11.20
N THR A 61 -17.63 -21.61 11.30
CA THR A 61 -19.05 -21.80 11.02
C THR A 61 -19.57 -21.07 9.77
N ARG A 62 -18.90 -19.97 9.39
CA ARG A 62 -19.31 -19.21 8.19
C ARG A 62 -18.11 -18.85 7.30
N PRO A 63 -17.49 -19.87 6.67
CA PRO A 63 -16.27 -19.67 5.88
C PRO A 63 -16.48 -18.71 4.70
N LEU A 64 -17.68 -18.73 4.13
CA LEU A 64 -18.10 -17.73 3.15
C LEU A 64 -19.26 -16.93 3.76
N TYR A 65 -18.96 -15.69 4.14
CA TYR A 65 -19.89 -14.87 4.89
C TYR A 65 -20.24 -13.61 4.10
N TRP A 66 -21.52 -13.25 4.11
CA TRP A 66 -21.96 -12.05 3.42
C TRP A 66 -22.03 -10.86 4.37
N HIS A 67 -21.06 -9.95 4.25
CA HIS A 67 -21.10 -8.69 4.98
C HIS A 67 -22.24 -7.85 4.42
N PRO A 68 -23.08 -7.26 5.31
CA PRO A 68 -24.18 -6.41 4.84
C PRO A 68 -23.70 -5.09 4.21
N PRO A 69 -24.57 -4.44 3.41
CA PRO A 69 -24.29 -3.10 2.92
C PRO A 69 -24.28 -2.08 4.05
N VAL A 70 -23.43 -1.07 3.92
CA VAL A 70 -23.34 0.01 4.90
C VAL A 70 -23.40 1.34 4.14
N GLY A 71 -24.47 2.10 4.39
CA GLY A 71 -24.73 3.34 3.66
C GLY A 71 -24.92 3.07 2.18
N ASP A 72 -24.07 3.70 1.37
CA ASP A 72 -24.12 3.57 -0.09
C ASP A 72 -23.36 2.34 -0.60
N ALA A 73 -22.29 1.99 0.11
CA ALA A 73 -21.49 0.80 -0.19
C ALA A 73 -22.36 -0.45 -0.25
N PRO A 74 -22.10 -1.33 -1.24
CA PRO A 74 -22.84 -2.59 -1.29
C PRO A 74 -22.32 -3.57 -0.25
N GLY A 75 -22.96 -4.72 -0.15
CA GLY A 75 -22.47 -5.81 0.68
C GLY A 75 -21.41 -6.56 -0.09
N PHE A 76 -20.65 -7.39 0.62
CA PHE A 76 -19.54 -8.13 0.01
C PHE A 76 -19.27 -9.42 0.74
N TRP A 77 -18.72 -10.39 0.01
CA TRP A 77 -18.34 -11.65 0.61
C TRP A 77 -17.06 -11.53 1.41
N VAL A 78 -17.04 -12.19 2.57
CA VAL A 78 -15.85 -12.25 3.41
C VAL A 78 -15.34 -13.68 3.47
N VAL A 79 -14.09 -13.86 3.06
CA VAL A 79 -13.44 -15.16 3.04
C VAL A 79 -12.32 -15.18 4.07
N SER A 80 -12.36 -16.16 4.97
CA SER A 80 -11.53 -16.16 6.17
C SER A 80 -10.63 -17.38 6.36
N ARG A 81 -10.96 -18.49 5.70
CA ARG A 81 -10.13 -19.69 5.76
C ARG A 81 -8.92 -19.57 4.83
N TYR A 82 -7.76 -19.95 5.33
CA TYR A 82 -6.52 -19.97 4.56
C TYR A 82 -6.67 -20.71 3.23
N ALA A 83 -7.29 -21.88 3.26
CA ALA A 83 -7.48 -22.69 2.05
C ALA A 83 -8.27 -21.94 0.98
N ASP A 84 -9.40 -21.36 1.38
CA ASP A 84 -10.25 -20.56 0.49
C ASP A 84 -9.51 -19.32 -0.01
N VAL A 85 -8.78 -18.66 0.89
CA VAL A 85 -8.07 -17.42 0.58
C VAL A 85 -7.04 -17.59 -0.53
N MSE A 86 -6.28 -18.69 -0.53
CA MSE A 86 -5.31 -18.91 -1.60
C MSE A 86 -5.95 -19.49 -2.86
O MSE A 86 -5.44 -19.29 -3.96
CB MSE A 86 -4.11 -19.74 -1.14
CG MSE A 86 -4.27 -21.25 -1.23
SE MSE A 86 -2.53 -22.12 -1.08
CE MSE A 86 -3.15 -23.96 -0.78
N ALA A 87 -7.06 -20.20 -2.69
CA ALA A 87 -7.80 -20.78 -3.81
C ALA A 87 -8.31 -19.68 -4.73
N LEU A 88 -8.79 -18.60 -4.13
CA LEU A 88 -9.38 -17.49 -4.87
C LEU A 88 -8.35 -16.45 -5.27
N TYR A 89 -7.25 -16.38 -4.52
CA TYR A 89 -6.11 -15.53 -4.90
C TYR A 89 -5.56 -15.95 -6.27
N LYS A 90 -5.68 -17.23 -6.58
CA LYS A 90 -5.10 -17.76 -7.81
C LYS A 90 -6.09 -17.91 -8.96
N ASP A 91 -7.39 -17.77 -8.67
CA ASP A 91 -8.42 -17.85 -9.69
C ASP A 91 -8.63 -16.48 -10.30
N ASN A 92 -7.75 -16.11 -11.24
CA ASN A 92 -7.90 -14.87 -11.99
C ASN A 92 -8.72 -15.07 -13.28
N LYS A 93 -9.53 -16.13 -13.27
CA LYS A 93 -10.36 -16.47 -14.41
C LYS A 93 -11.83 -16.20 -14.09
N LYS A 94 -12.26 -16.59 -12.90
CA LYS A 94 -13.63 -16.32 -12.43
C LYS A 94 -13.71 -15.03 -11.61
N LEU A 95 -12.55 -14.54 -11.17
CA LEU A 95 -12.44 -13.32 -10.37
C LEU A 95 -11.44 -12.33 -10.98
N THR A 96 -11.67 -11.03 -10.79
CA THR A 96 -10.84 -10.01 -11.42
C THR A 96 -10.40 -8.89 -10.49
N SER A 97 -9.17 -8.42 -10.71
CA SER A 97 -8.63 -7.25 -10.02
C SER A 97 -9.00 -5.96 -10.76
N GLU A 98 -9.57 -6.10 -11.95
CA GLU A 98 -9.83 -4.96 -12.84
C GLU A 98 -10.97 -4.02 -12.41
N LYS A 99 -11.59 -4.29 -11.27
CA LYS A 99 -12.63 -3.40 -10.75
C LYS A 99 -12.35 -3.02 -9.30
N GLY A 100 -11.06 -3.06 -8.95
CA GLY A 100 -10.60 -2.80 -7.59
C GLY A 100 -10.04 -4.04 -6.93
N ASN A 101 -8.97 -3.87 -6.15
CA ASN A 101 -8.43 -4.95 -5.33
C ASN A 101 -8.42 -4.65 -3.82
N VAL A 102 -8.85 -3.45 -3.44
CA VAL A 102 -9.03 -3.07 -2.04
C VAL A 102 -10.41 -2.47 -1.86
N LEU A 103 -10.90 -2.45 -0.62
CA LEU A 103 -12.26 -2.00 -0.32
C LEU A 103 -12.64 -0.61 -0.82
N VAL A 104 -11.71 0.35 -0.72
CA VAL A 104 -12.02 1.74 -1.08
C VAL A 104 -12.37 1.93 -2.56
N THR A 105 -11.82 1.07 -3.41
CA THR A 105 -12.16 1.09 -4.84
C THR A 105 -13.25 0.08 -5.14
N LEU A 106 -13.16 -1.10 -4.54
CA LEU A 106 -14.15 -2.17 -4.74
C LEU A 106 -15.56 -1.71 -4.38
N LEU A 107 -15.71 -1.04 -3.24
CA LEU A 107 -17.01 -0.53 -2.82
C LEU A 107 -17.46 0.69 -3.63
N ALA A 108 -16.50 1.40 -4.21
CA ALA A 108 -16.79 2.55 -5.07
C ALA A 108 -17.31 2.13 -6.45
N GLY A 109 -17.13 0.86 -6.79
CA GLY A 109 -17.64 0.31 -8.04
C GLY A 109 -16.59 0.08 -9.10
N GLY A 110 -15.36 0.53 -8.84
CA GLY A 110 -14.26 0.34 -9.78
C GLY A 110 -13.01 1.11 -9.41
N ASP A 111 -11.98 0.98 -10.24
CA ASP A 111 -10.71 1.66 -10.06
C ASP A 111 -10.30 2.32 -11.38
N SER A 112 -10.07 3.64 -11.33
CA SER A 112 -9.67 4.44 -12.49
C SER A 112 -8.50 3.83 -13.25
N ALA A 113 -7.57 3.22 -12.51
CA ALA A 113 -6.34 2.71 -13.07
C ALA A 113 -6.45 1.30 -13.63
N ALA A 114 -7.67 0.77 -13.69
CA ALA A 114 -7.93 -0.55 -14.27
C ALA A 114 -7.25 -0.71 -15.63
N GLY A 115 -6.58 -1.84 -15.83
CA GLY A 115 -5.92 -2.13 -17.10
C GLY A 115 -4.66 -1.33 -17.36
N LYS A 116 -4.24 -0.54 -16.37
CA LYS A 116 -3.06 0.30 -16.50
C LYS A 116 -2.09 0.14 -15.33
N MSE A 117 -2.62 0.04 -14.13
CA MSE A 117 -1.81 -0.24 -12.96
C MSE A 117 -1.79 -1.75 -12.71
O MSE A 117 -2.84 -2.39 -12.65
CB MSE A 117 -2.34 0.50 -11.74
CG MSE A 117 -1.33 0.66 -10.63
SE MSE A 117 -2.19 1.21 -8.98
CE MSE A 117 -2.68 3.03 -9.48
N LEU A 118 -0.59 -2.29 -12.56
CA LEU A 118 -0.37 -3.74 -12.44
C LEU A 118 -1.33 -4.45 -11.50
N ALA A 119 -1.51 -3.88 -10.30
CA ALA A 119 -2.38 -4.44 -9.27
C ALA A 119 -3.83 -4.61 -9.71
N VAL A 120 -4.32 -3.70 -10.55
CA VAL A 120 -5.70 -3.73 -11.03
C VAL A 120 -5.79 -4.02 -12.53
N THR A 121 -4.91 -4.90 -13.00
CA THR A 121 -4.90 -5.33 -14.39
C THR A 121 -4.83 -6.85 -14.43
N ASP A 122 -5.65 -7.45 -15.30
CA ASP A 122 -5.60 -8.90 -15.53
C ASP A 122 -5.27 -9.21 -16.99
N GLY A 123 -5.18 -10.51 -17.29
CA GLY A 123 -4.94 -10.97 -18.64
C GLY A 123 -3.54 -10.70 -19.16
N ALA A 124 -3.43 -10.55 -20.48
CA ALA A 124 -2.13 -10.44 -21.15
C ALA A 124 -1.41 -9.12 -20.89
N MSE A 125 -2.18 -8.06 -20.68
CA MSE A 125 -1.60 -6.77 -20.31
C MSE A 125 -0.88 -6.90 -18.95
O MSE A 125 0.20 -6.34 -18.77
CB MSE A 125 -2.65 -5.67 -20.27
CG MSE A 125 -2.09 -4.25 -20.05
SE MSE A 125 -0.54 -3.78 -21.18
CE MSE A 125 -0.42 -1.87 -20.77
N HIS A 126 -1.48 -7.65 -18.03
CA HIS A 126 -0.86 -7.93 -16.75
C HIS A 126 0.40 -8.77 -16.87
N ARG A 127 0.34 -9.84 -17.66
CA ARG A 127 1.49 -10.69 -17.88
C ARG A 127 2.68 -9.93 -18.46
N GLY A 128 2.41 -9.07 -19.44
CA GLY A 128 3.46 -8.28 -20.10
C GLY A 128 4.07 -7.23 -19.20
N LEU A 129 3.21 -6.43 -18.57
CA LEU A 129 3.62 -5.36 -17.68
C LEU A 129 4.41 -5.88 -16.47
N ARG A 130 4.09 -7.09 -16.03
CA ARG A 130 4.80 -7.74 -14.93
C ARG A 130 6.21 -8.17 -15.36
N ASN A 131 6.32 -8.79 -16.53
CA ASN A 131 7.61 -9.25 -17.06
C ASN A 131 8.58 -8.11 -17.33
N VAL A 132 8.03 -6.92 -17.59
CA VAL A 132 8.83 -5.72 -17.75
C VAL A 132 9.41 -5.26 -16.41
N LEU A 133 8.57 -5.28 -15.37
CA LEU A 133 8.96 -4.88 -14.02
C LEU A 133 9.84 -5.93 -13.32
N LEU A 134 9.55 -7.21 -13.57
CA LEU A 134 10.33 -8.30 -12.96
C LEU A 134 11.80 -8.24 -13.33
N LYS A 135 12.11 -7.55 -14.42
CA LYS A 135 13.50 -7.39 -14.86
C LYS A 135 14.34 -6.48 -13.95
N SER A 136 13.67 -5.69 -13.12
CA SER A 136 14.36 -4.82 -12.16
C SER A 136 13.90 -5.00 -10.70
N PHE A 137 13.15 -6.07 -10.43
CA PHE A 137 12.72 -6.39 -9.06
C PHE A 137 12.98 -7.85 -8.68
N SER A 138 13.66 -8.57 -9.57
CA SER A 138 14.08 -9.94 -9.30
C SER A 138 15.26 -9.94 -8.31
N PRO A 139 15.51 -11.08 -7.64
CA PRO A 139 16.68 -11.21 -6.75
C PRO A 139 18.00 -10.88 -7.45
N GLN A 140 18.08 -11.22 -8.74
CA GLN A 140 19.28 -10.97 -9.53
C GLN A 140 19.57 -9.48 -9.62
N ALA A 141 18.55 -8.71 -9.99
CA ALA A 141 18.68 -7.27 -10.23
C ALA A 141 18.85 -6.44 -8.96
N LEU A 142 18.28 -6.93 -7.85
CA LEU A 142 18.25 -6.16 -6.60
C LEU A 142 19.47 -6.34 -5.70
N LYS A 143 20.36 -7.28 -6.04
CA LYS A 143 21.54 -7.57 -5.21
C LYS A 143 22.45 -6.36 -4.91
N PRO A 144 22.61 -5.42 -5.87
CA PRO A 144 23.30 -4.17 -5.52
C PRO A 144 22.57 -3.36 -4.43
N ILE A 145 21.25 -3.34 -4.50
CA ILE A 145 20.40 -2.58 -3.57
C ILE A 145 20.38 -3.21 -2.18
N VAL A 146 20.31 -4.55 -2.14
CA VAL A 146 20.27 -5.30 -0.87
C VAL A 146 21.49 -4.99 0.01
N ASP A 147 22.63 -4.74 -0.63
CA ASP A 147 23.86 -4.37 0.08
C ASP A 147 23.72 -2.99 0.70
N GLN A 148 23.10 -2.08 -0.04
CA GLN A 148 22.89 -0.70 0.41
C GLN A 148 21.86 -0.60 1.54
N ILE A 149 20.90 -1.52 1.54
CA ILE A 149 19.91 -1.58 2.62
C ILE A 149 20.61 -1.95 3.94
N ARG A 150 21.39 -3.02 3.91
CA ARG A 150 22.16 -3.46 5.08
C ARG A 150 22.98 -2.31 5.68
N VAL A 151 23.71 -1.60 4.81
CA VAL A 151 24.55 -0.48 5.24
C VAL A 151 23.72 0.61 5.91
N ASN A 152 22.72 1.11 5.21
CA ASN A 152 21.86 2.18 5.71
C ASN A 152 21.08 1.80 6.96
N THR A 153 20.61 0.55 7.01
CA THR A 153 19.84 0.04 8.14
C THR A 153 20.69 0.02 9.41
N THR A 154 21.89 -0.52 9.31
CA THR A 154 22.81 -0.62 10.43
C THR A 154 23.12 0.75 11.03
N ARG A 155 23.44 1.72 10.17
CA ARG A 155 23.72 3.09 10.59
C ARG A 155 22.59 3.69 11.43
N LEU A 156 21.35 3.54 10.95
CA LEU A 156 20.16 4.05 11.63
C LEU A 156 19.92 3.36 12.97
N VAL A 157 20.19 2.05 13.02
CA VAL A 157 20.02 1.27 14.25
C VAL A 157 21.06 1.66 15.29
N VAL A 158 22.32 1.70 14.88
CA VAL A 158 23.43 2.06 15.76
C VAL A 158 23.27 3.46 16.37
N ASP A 159 22.86 4.43 15.53
CA ASP A 159 22.68 5.80 15.98
C ASP A 159 21.48 5.95 16.91
N ALA A 160 20.55 5.00 16.83
CA ALA A 160 19.39 4.96 17.72
C ALA A 160 19.73 4.27 19.04
N ALA A 161 20.72 3.38 19.00
CA ALA A 161 21.21 2.69 20.18
C ALA A 161 22.00 3.66 21.08
N ARG A 162 22.88 4.44 20.46
CA ARG A 162 23.65 5.49 21.14
C ARG A 162 22.75 6.48 21.85
N ARG A 163 21.67 6.88 21.17
CA ARG A 163 20.67 7.80 21.71
C ARG A 163 19.89 7.15 22.86
N GLY A 164 19.75 5.83 22.80
CA GLY A 164 19.01 5.06 23.80
C GLY A 164 17.51 5.26 23.66
N GLU A 165 17.02 6.37 24.17
CA GLU A 165 15.62 6.76 24.05
C GLU A 165 15.38 7.41 22.69
N CYS A 166 14.32 6.96 22.00
CA CYS A 166 13.94 7.49 20.68
C CYS A 166 12.56 6.99 20.23
N ASP A 167 12.10 7.49 19.09
CA ASP A 167 10.92 6.97 18.40
C ASP A 167 11.42 6.09 17.24
N PHE A 168 11.19 4.79 17.34
CA PHE A 168 11.69 3.83 16.36
C PHE A 168 11.05 4.00 14.98
N ALA A 169 9.78 4.35 14.96
CA ALA A 169 9.03 4.55 13.71
C ALA A 169 9.63 5.70 12.89
N ALA A 170 9.78 6.85 13.53
CA ALA A 170 10.31 8.04 12.86
C ALA A 170 11.82 7.99 12.62
N ASP A 171 12.57 7.53 13.63
CA ASP A 171 14.04 7.60 13.60
C ASP A 171 14.72 6.42 12.88
N VAL A 172 13.99 5.33 12.67
CA VAL A 172 14.55 4.16 11.96
C VAL A 172 13.66 3.67 10.83
N ALA A 173 12.42 3.29 11.16
CA ALA A 173 11.54 2.61 10.21
C ALA A 173 11.24 3.41 8.96
N GLU A 174 10.65 4.60 9.12
CA GLU A 174 10.29 5.49 8.01
C GLU A 174 11.46 5.79 7.06
N GLN A 175 12.68 5.52 7.51
CA GLN A 175 13.89 5.94 6.83
C GLN A 175 14.45 4.96 5.79
N ILE A 176 13.94 3.73 5.80
CA ILE A 176 14.47 2.70 4.89
C ILE A 176 13.58 2.33 3.70
N PRO A 177 12.33 1.87 3.95
CA PRO A 177 11.52 1.36 2.83
C PRO A 177 11.34 2.39 1.72
N LEU A 178 10.91 3.61 2.07
CA LEU A 178 10.66 4.66 1.09
C LEU A 178 11.93 5.08 0.36
N ASN A 179 13.00 5.32 1.12
CA ASN A 179 14.28 5.70 0.53
C ASN A 179 14.85 4.65 -0.41
N THR A 180 14.57 3.38 -0.13
CA THR A 180 15.02 2.30 -0.99
C THR A 180 14.31 2.31 -2.34
N ILE A 181 12.97 2.39 -2.29
CA ILE A 181 12.16 2.42 -3.51
C ILE A 181 12.40 3.70 -4.31
N SER A 182 12.62 4.80 -3.60
CA SER A 182 12.92 6.09 -4.24
C SER A 182 14.28 6.09 -4.90
N ASP A 183 15.24 5.38 -4.31
CA ASP A 183 16.56 5.20 -4.92
C ASP A 183 16.43 4.39 -6.20
N LEU A 184 15.54 3.41 -6.18
CA LEU A 184 15.26 2.58 -7.33
C LEU A 184 14.56 3.37 -8.43
N LEU A 185 13.44 4.00 -8.08
CA LEU A 185 12.65 4.76 -9.04
C LEU A 185 13.41 5.96 -9.60
N GLY A 186 14.24 6.59 -8.77
CA GLY A 186 15.03 7.75 -9.17
C GLY A 186 14.44 9.07 -8.71
N VAL A 187 13.68 9.02 -7.61
CA VAL A 187 13.11 10.21 -7.00
C VAL A 187 14.23 11.01 -6.32
N PRO A 188 14.40 12.29 -6.70
CA PRO A 188 15.40 13.14 -6.05
C PRO A 188 15.18 13.23 -4.55
N ALA A 189 16.28 13.22 -3.80
CA ALA A 189 16.27 13.20 -2.33
C ALA A 189 15.40 14.26 -1.69
N ALA A 190 15.41 15.46 -2.27
CA ALA A 190 14.68 16.60 -1.71
C ALA A 190 13.18 16.36 -1.56
N ASP A 191 12.64 15.51 -2.42
CA ASP A 191 11.18 15.32 -2.51
C ASP A 191 10.63 14.21 -1.63
N ARG A 192 11.52 13.35 -1.13
CA ARG A 192 11.12 12.13 -0.41
C ARG A 192 10.34 12.37 0.87
N GLU A 193 10.72 13.40 1.62
CA GLU A 193 10.05 13.76 2.86
C GLU A 193 8.59 14.14 2.59
N PHE A 194 8.37 14.83 1.48
CA PHE A 194 7.04 15.25 1.05
C PHE A 194 6.18 14.05 0.58
N LEU A 195 6.80 13.12 -0.13
CA LEU A 195 6.12 11.90 -0.57
C LEU A 195 5.72 11.01 0.59
N LEU A 196 6.57 10.98 1.63
CA LEU A 196 6.29 10.27 2.85
C LEU A 196 5.02 10.79 3.51
N LYS A 197 4.86 12.10 3.52
CA LYS A 197 3.70 12.76 4.10
C LYS A 197 2.42 12.38 3.37
N LEU A 198 2.52 12.17 2.06
CA LEU A 198 1.37 11.83 1.23
C LEU A 198 0.93 10.39 1.43
N ASN A 199 1.90 9.49 1.59
CA ASN A 199 1.62 8.07 1.82
C ASN A 199 0.87 7.80 3.12
N LYS A 200 1.14 8.64 4.14
CA LYS A 200 0.53 8.49 5.45
C LYS A 200 -0.97 8.84 5.47
N SER A 201 -1.45 9.41 4.37
CA SER A 201 -2.85 9.81 4.24
C SER A 201 -3.59 9.05 3.12
N ALA A 202 -2.82 8.38 2.26
CA ALA A 202 -3.34 7.77 1.03
C ALA A 202 -4.32 6.62 1.26
N LEU A 203 -3.97 5.68 2.12
CA LEU A 203 -4.82 4.52 2.40
C LEU A 203 -4.96 4.27 3.89
N SER A 204 -4.00 4.77 4.65
CA SER A 204 -4.08 4.80 6.09
C SER A 204 -4.23 6.26 6.53
N SER A 205 -4.31 6.48 7.84
CA SER A 205 -4.40 7.83 8.38
C SER A 205 -3.91 7.84 9.81
N GLU A 206 -3.16 8.87 10.18
CA GLU A 206 -2.77 9.06 11.56
C GLU A 206 -3.91 9.63 12.40
N ASP A 207 -4.80 10.41 11.75
CA ASP A 207 -6.01 10.96 12.38
C ASP A 207 -7.17 9.97 12.28
N ALA A 208 -7.75 9.63 13.44
CA ALA A 208 -8.90 8.71 13.51
C ALA A 208 -10.09 9.22 12.68
N ASP A 209 -10.33 10.52 12.75
CA ASP A 209 -11.36 11.16 11.94
C ASP A 209 -10.72 11.77 10.70
N GLN A 210 -10.75 11.00 9.60
CA GLN A 210 -10.27 11.47 8.31
C GLN A 210 -11.38 11.29 7.29
N SER A 211 -11.57 12.29 6.43
CA SER A 211 -12.58 12.22 5.38
C SER A 211 -11.98 11.61 4.11
N ALA A 212 -12.85 11.04 3.28
CA ALA A 212 -12.45 10.45 2.00
C ALA A 212 -11.79 11.48 1.07
N THR A 213 -12.14 12.75 1.27
CA THR A 213 -11.60 13.87 0.48
C THR A 213 -10.09 14.02 0.68
N ASP A 214 -9.65 14.09 1.93
CA ASP A 214 -8.22 14.19 2.24
C ASP A 214 -7.46 13.01 1.66
N ALA A 215 -8.05 11.82 1.77
CA ALA A 215 -7.51 10.62 1.17
C ALA A 215 -7.41 10.76 -0.35
N TRP A 216 -8.47 11.28 -0.96
CA TRP A 216 -8.51 11.51 -2.40
C TRP A 216 -7.41 12.47 -2.85
N LEU A 217 -7.31 13.61 -2.18
CA LEU A 217 -6.32 14.62 -2.51
C LEU A 217 -4.89 14.11 -2.35
N ALA A 218 -4.64 13.41 -1.24
CA ALA A 218 -3.33 12.84 -0.96
C ALA A 218 -2.89 11.86 -2.04
N ARG A 219 -3.81 10.98 -2.45
CA ARG A 219 -3.55 10.04 -3.53
C ARG A 219 -3.22 10.77 -4.81
N ASN A 220 -4.02 11.78 -5.14
CA ASN A 220 -3.88 12.52 -6.38
C ASN A 220 -2.67 13.45 -6.45
N GLU A 221 -2.17 13.87 -5.29
CA GLU A 221 -0.98 14.70 -5.24
C GLU A 221 0.27 13.87 -5.58
N ILE A 222 0.18 12.55 -5.41
CA ILE A 222 1.24 11.62 -5.79
C ILE A 222 1.29 11.52 -7.31
N LEU A 223 0.11 11.38 -7.92
CA LEU A 223 -0.01 11.32 -9.37
C LEU A 223 0.48 12.61 -10.01
N LEU A 224 0.14 13.73 -9.38
CA LEU A 224 0.60 15.03 -9.83
C LEU A 224 2.12 15.14 -9.80
N TYR A 225 2.72 14.67 -8.72
CA TYR A 225 4.17 14.68 -8.60
C TYR A 225 4.81 13.83 -9.68
N PHE A 226 4.26 12.63 -9.90
CA PHE A 226 4.86 11.70 -10.84
C PHE A 226 4.57 12.04 -12.31
N SER A 227 3.53 12.82 -12.55
CA SER A 227 3.28 13.37 -13.89
C SER A 227 4.48 14.18 -14.35
N GLU A 228 4.98 15.04 -13.46
CA GLU A 228 6.10 15.92 -13.75
C GLU A 228 7.44 15.19 -13.81
N LEU A 229 7.64 14.22 -12.91
CA LEU A 229 8.90 13.48 -12.86
C LEU A 229 9.07 12.55 -14.05
N VAL A 230 8.00 11.83 -14.41
CA VAL A 230 8.04 10.94 -15.57
C VAL A 230 8.21 11.74 -16.85
N ALA A 231 7.69 12.97 -16.87
CA ALA A 231 7.88 13.88 -17.99
C ALA A 231 9.37 14.19 -18.19
N GLU A 232 10.06 14.53 -17.10
CA GLU A 232 11.49 14.84 -17.13
C GLU A 232 12.36 13.68 -17.62
N ARG A 233 11.96 12.45 -17.26
CA ARG A 233 12.74 11.25 -17.58
C ARG A 233 12.47 10.71 -18.99
N ARG A 234 11.31 11.07 -19.54
CA ARG A 234 10.98 10.70 -20.91
C ARG A 234 11.80 11.55 -21.88
N ALA A 235 12.01 12.81 -21.50
CA ALA A 235 12.84 13.74 -22.26
C ALA A 235 14.34 13.48 -22.01
N LYS A 236 14.73 13.41 -20.74
CA LYS A 236 16.12 13.17 -20.37
C LYS A 236 16.28 11.93 -19.48
N PRO A 237 16.44 10.75 -20.10
CA PRO A 237 16.50 9.46 -19.40
C PRO A 237 17.80 9.23 -18.63
N THR A 238 17.67 8.93 -17.35
CA THR A 238 18.81 8.50 -16.53
C THR A 238 18.89 6.97 -16.53
N GLU A 239 19.41 6.40 -15.44
CA GLU A 239 19.64 4.96 -15.35
C GLU A 239 18.61 4.26 -14.46
N ASP A 240 17.73 5.05 -13.83
CA ASP A 240 16.78 4.55 -12.83
C ASP A 240 15.65 3.66 -13.37
N VAL A 241 14.80 3.19 -12.47
CA VAL A 241 13.70 2.27 -12.78
C VAL A 241 12.58 2.94 -13.61
N ILE A 242 12.37 4.24 -13.40
CA ILE A 242 11.43 5.01 -14.22
C ILE A 242 11.90 5.02 -15.69
N SER A 243 13.19 5.23 -15.88
CA SER A 243 13.80 5.23 -17.21
C SER A 243 13.70 3.87 -17.90
N VAL A 244 13.82 2.80 -17.13
CA VAL A 244 13.66 1.44 -17.64
C VAL A 244 12.25 1.23 -18.19
N LEU A 245 11.25 1.69 -17.43
CA LEU A 245 9.85 1.65 -17.84
C LEU A 245 9.59 2.52 -19.07
N ALA A 246 10.23 3.70 -19.09
CA ALA A 246 10.09 4.64 -20.21
C ALA A 246 10.74 4.14 -21.50
N ASN A 247 11.61 3.14 -21.37
CA ASN A 247 12.31 2.55 -22.51
C ASN A 247 11.81 1.14 -22.84
N SER A 248 10.75 0.73 -22.18
CA SER A 248 10.22 -0.63 -22.31
C SER A 248 8.98 -0.70 -23.19
N MSE A 249 8.66 -1.91 -23.62
CA MSE A 249 7.50 -2.15 -24.48
C MSE A 249 6.72 -3.37 -24.03
O MSE A 249 7.29 -4.34 -23.55
CB MSE A 249 7.93 -2.32 -25.93
CG MSE A 249 8.40 -1.03 -26.60
SE MSE A 249 8.93 -1.32 -28.44
CE MSE A 249 9.97 0.33 -28.68
N VAL A 250 5.41 -3.29 -24.18
CA VAL A 250 4.53 -4.43 -23.99
C VAL A 250 3.78 -4.65 -25.30
N ASP A 251 3.99 -5.82 -25.89
CA ASP A 251 3.37 -6.20 -27.17
C ASP A 251 3.81 -5.26 -28.32
N GLY A 252 5.10 -4.95 -28.35
CA GLY A 252 5.69 -4.18 -29.43
C GLY A 252 5.44 -2.67 -29.43
N LYS A 253 4.66 -2.18 -28.46
CA LYS A 253 4.41 -0.73 -28.34
C LYS A 253 4.84 -0.17 -26.99
N PRO A 254 5.40 1.06 -26.98
CA PRO A 254 5.89 1.70 -25.76
C PRO A 254 4.79 1.94 -24.74
N LEU A 255 5.18 2.20 -23.50
CA LEU A 255 4.22 2.48 -22.43
C LEU A 255 3.80 3.93 -22.41
N THR A 256 2.50 4.16 -22.23
CA THR A 256 1.95 5.50 -22.07
C THR A 256 2.58 6.17 -20.86
N GLU A 257 2.72 7.50 -20.91
CA GLU A 257 3.15 8.25 -19.74
C GLU A 257 2.12 8.06 -18.61
N GLU A 258 0.88 7.78 -18.98
CA GLU A 258 -0.17 7.49 -18.01
C GLU A 258 0.09 6.18 -17.28
N VAL A 259 0.34 5.12 -18.04
CA VAL A 259 0.61 3.78 -17.49
C VAL A 259 1.82 3.80 -16.53
N ILE A 260 2.90 4.48 -16.96
CA ILE A 260 4.11 4.58 -16.14
C ILE A 260 3.85 5.33 -14.83
N VAL A 261 3.18 6.48 -14.94
CA VAL A 261 2.80 7.27 -13.76
C VAL A 261 2.02 6.42 -12.74
N LEU A 262 1.04 5.67 -13.24
CA LEU A 262 0.17 4.88 -12.38
C LEU A 262 0.91 3.77 -11.63
N ASN A 263 1.92 3.20 -12.27
CA ASN A 263 2.70 2.14 -11.64
C ASN A 263 3.74 2.68 -10.67
N CYS A 264 4.22 3.90 -10.95
CA CYS A 264 5.08 4.63 -10.01
C CYS A 264 4.35 4.92 -8.70
N TYR A 265 3.04 5.15 -8.80
CA TYR A 265 2.18 5.31 -7.63
C TYR A 265 2.17 4.02 -6.82
N SER A 266 1.90 2.90 -7.48
CA SER A 266 1.79 1.61 -6.78
C SER A 266 3.13 1.14 -6.22
N LEU A 267 4.22 1.66 -6.79
CA LEU A 267 5.55 1.31 -6.30
C LEU A 267 5.96 2.18 -5.11
N ILE A 268 5.73 3.48 -5.20
CA ILE A 268 6.07 4.40 -4.11
C ILE A 268 5.23 4.13 -2.87
N LEU A 269 4.00 3.68 -3.07
CA LEU A 269 3.11 3.37 -1.97
C LEU A 269 3.35 1.96 -1.48
N GLY A 270 3.56 1.04 -2.43
CA GLY A 270 3.80 -0.36 -2.12
C GLY A 270 5.14 -0.61 -1.46
N GLY A 271 6.18 0.04 -1.98
CA GLY A 271 7.52 -0.08 -1.44
C GLY A 271 7.72 0.56 -0.08
N ASP A 272 6.73 1.31 0.37
CA ASP A 272 6.81 2.04 1.64
C ASP A 272 5.99 1.42 2.78
N GLU A 273 4.68 1.64 2.78
CA GLU A 273 3.84 1.43 3.97
C GLU A 273 3.96 0.05 4.62
N THR A 274 3.76 -0.99 3.82
CA THR A 274 3.68 -2.36 4.35
C THR A 274 4.98 -2.86 4.97
N SER A 275 6.12 -2.50 4.38
CA SER A 275 7.43 -2.87 4.94
C SER A 275 7.70 -2.10 6.21
N ARG A 276 7.45 -0.79 6.15
CA ARG A 276 7.55 0.12 7.30
C ARG A 276 6.78 -0.43 8.50
N LEU A 277 5.52 -0.76 8.28
CA LEU A 277 4.66 -1.31 9.33
C LEU A 277 5.13 -2.68 9.83
N SER A 278 5.76 -3.45 8.95
CA SER A 278 6.30 -4.76 9.33
C SER A 278 7.44 -4.62 10.31
N MSE A 279 8.36 -3.71 10.00
CA MSE A 279 9.53 -3.44 10.82
C MSE A 279 9.15 -2.95 12.21
O MSE A 279 9.59 -3.49 13.21
CB MSE A 279 10.44 -2.43 10.13
CG MSE A 279 11.03 -2.94 8.81
SE MSE A 279 11.92 -1.55 7.79
CE MSE A 279 13.75 -1.78 8.44
N ILE A 280 8.28 -1.94 12.25
CA ILE A 280 7.80 -1.41 13.52
C ILE A 280 7.16 -2.51 14.37
N ASP A 281 6.36 -3.37 13.74
CA ASP A 281 5.65 -4.42 14.47
C ASP A 281 6.60 -5.48 15.03
N SER A 282 7.71 -5.74 14.34
CA SER A 282 8.68 -6.72 14.82
C SER A 282 9.20 -6.31 16.20
N VAL A 283 9.53 -5.03 16.34
CA VAL A 283 10.04 -4.49 17.61
C VAL A 283 8.99 -4.52 18.72
N GLN A 284 7.79 -4.02 18.44
CA GLN A 284 6.70 -4.04 19.43
C GLN A 284 6.40 -5.46 19.90
N THR A 285 6.49 -6.42 18.98
CA THR A 285 6.20 -7.82 19.29
C THR A 285 7.32 -8.45 20.13
N PHE A 286 8.55 -7.97 19.96
CA PHE A 286 9.69 -8.48 20.71
C PHE A 286 9.64 -8.10 22.20
N THR A 287 9.14 -6.90 22.49
CA THR A 287 8.97 -6.44 23.87
C THR A 287 7.95 -7.29 24.63
N GLN A 288 6.97 -7.81 23.89
CA GLN A 288 5.93 -8.66 24.45
C GLN A 288 6.42 -10.10 24.60
N TYR A 289 7.32 -10.50 23.71
CA TYR A 289 7.83 -11.86 23.66
C TYR A 289 9.35 -11.86 23.79
N PRO A 290 9.87 -11.68 25.02
CA PRO A 290 11.32 -11.56 25.21
C PRO A 290 12.05 -12.88 25.00
N ASP A 291 11.37 -13.99 25.27
CA ASP A 291 11.90 -15.33 25.03
C ASP A 291 12.31 -15.50 23.57
N GLN A 292 11.51 -14.92 22.69
CA GLN A 292 11.75 -15.01 21.25
C GLN A 292 12.84 -14.04 20.82
N TRP A 293 12.87 -12.85 21.40
CA TRP A 293 13.92 -11.89 21.13
C TRP A 293 15.30 -12.47 21.44
N GLU A 294 15.37 -13.20 22.55
CA GLU A 294 16.63 -13.83 22.99
C GLU A 294 17.11 -14.92 22.04
N LEU A 295 16.18 -15.69 21.49
CA LEU A 295 16.52 -16.70 20.48
C LEU A 295 17.18 -16.08 19.26
N LEU A 296 16.69 -14.92 18.84
CA LEU A 296 17.27 -14.17 17.73
C LEU A 296 18.63 -13.58 18.10
N ARG A 297 18.69 -12.90 19.25
CA ARG A 297 19.91 -12.22 19.70
C ARG A 297 21.08 -13.18 19.91
N ASP A 298 20.80 -14.38 20.39
CA ASP A 298 21.83 -15.37 20.70
C ASP A 298 22.07 -16.37 19.57
N GLY A 299 21.53 -16.07 18.38
CA GLY A 299 21.71 -16.90 17.20
C GLY A 299 21.22 -18.34 17.37
N LYS A 300 20.05 -18.50 17.99
CA LYS A 300 19.43 -19.81 18.15
C LYS A 300 18.36 -20.04 17.09
N VAL A 301 18.13 -19.00 16.28
CA VAL A 301 17.25 -19.08 15.12
C VAL A 301 17.85 -18.26 13.97
N THR A 302 17.68 -18.76 12.75
CA THR A 302 18.20 -18.08 11.56
C THR A 302 17.38 -16.84 11.21
N LEU A 303 18.00 -15.90 10.51
CA LEU A 303 17.31 -14.70 10.04
C LEU A 303 16.21 -15.04 9.03
N GLU A 304 16.45 -16.07 8.20
CA GLU A 304 15.46 -16.55 7.24
C GLU A 304 14.19 -16.94 7.96
N SER A 305 14.33 -17.78 8.97
CA SER A 305 13.19 -18.31 9.72
C SER A 305 12.44 -17.22 10.48
N ALA A 306 13.19 -16.31 11.11
CA ALA A 306 12.61 -15.23 11.89
C ALA A 306 11.79 -14.28 11.01
N THR A 307 12.41 -13.81 9.92
CA THR A 307 11.76 -12.90 8.97
C THR A 307 10.36 -13.38 8.60
N GLU A 308 10.22 -14.67 8.31
CA GLU A 308 8.93 -15.26 7.93
C GLU A 308 7.89 -15.18 9.04
N GLU A 309 8.31 -15.37 10.29
CA GLU A 309 7.37 -15.26 11.39
C GLU A 309 6.95 -13.81 11.62
N VAL A 310 7.92 -12.89 11.51
CA VAL A 310 7.63 -11.46 11.57
C VAL A 310 6.54 -11.10 10.55
N LEU A 311 6.67 -11.65 9.35
CA LEU A 311 5.72 -11.39 8.28
C LEU A 311 4.36 -12.01 8.56
N ARG A 312 4.35 -13.27 9.00
CA ARG A 312 3.10 -13.94 9.35
C ARG A 312 2.41 -13.21 10.50
N TRP A 313 3.21 -12.74 11.46
CA TRP A 313 2.68 -12.13 12.67
C TRP A 313 2.06 -10.77 12.37
N ALA A 314 2.86 -9.88 11.82
CA ALA A 314 2.42 -8.57 11.37
C ALA A 314 1.95 -8.74 9.94
N THR A 315 0.66 -8.94 9.75
CA THR A 315 0.12 -9.05 8.40
C THR A 315 -0.41 -7.67 8.03
N PRO A 316 0.49 -6.78 7.53
CA PRO A 316 0.19 -5.35 7.42
C PRO A 316 -1.01 -5.07 6.53
N ALA A 317 -1.01 -5.65 5.33
CA ALA A 317 -2.17 -5.60 4.47
C ALA A 317 -3.16 -6.67 4.92
N MSE A 318 -4.19 -6.24 5.64
CA MSE A 318 -5.15 -7.16 6.24
C MSE A 318 -5.97 -7.90 5.20
O MSE A 318 -6.21 -9.10 5.32
CB MSE A 318 -6.10 -6.42 7.18
CG MSE A 318 -5.45 -5.87 8.42
SE MSE A 318 -6.79 -5.21 9.65
CE MSE A 318 -7.18 -3.49 8.81
N HIS A 319 -6.41 -7.17 4.18
CA HIS A 319 -7.26 -7.72 3.13
C HIS A 319 -6.82 -7.29 1.74
N PHE A 320 -7.20 -8.12 0.76
CA PHE A 320 -7.24 -7.73 -0.65
C PHE A 320 -8.51 -8.34 -1.26
N GLY A 321 -8.91 -7.87 -2.44
CA GLY A 321 -10.20 -8.27 -3.00
C GLY A 321 -10.29 -8.43 -4.49
N ARG A 322 -11.43 -8.99 -4.93
CA ARG A 322 -11.72 -9.23 -6.34
C ARG A 322 -13.22 -9.02 -6.61
N ARG A 323 -13.59 -8.97 -7.88
CA ARG A 323 -15.00 -9.04 -8.31
C ARG A 323 -15.19 -10.33 -9.08
N ALA A 324 -16.37 -10.93 -8.96
CA ALA A 324 -16.71 -12.12 -9.75
C ALA A 324 -17.09 -11.70 -11.17
N VAL A 325 -16.55 -12.41 -12.15
CA VAL A 325 -16.93 -12.20 -13.56
C VAL A 325 -18.00 -13.18 -14.00
N THR A 326 -18.03 -14.34 -13.36
CA THR A 326 -19.05 -15.36 -13.59
C THR A 326 -19.56 -15.84 -12.24
N ASP A 327 -20.60 -16.68 -12.26
CA ASP A 327 -21.14 -17.25 -11.02
C ASP A 327 -20.28 -18.40 -10.50
N MSE A 328 -20.16 -18.48 -9.17
CA MSE A 328 -19.30 -19.46 -8.51
C MSE A 328 -20.02 -20.19 -7.39
O MSE A 328 -20.86 -19.62 -6.70
CB MSE A 328 -18.09 -18.77 -7.88
CG MSE A 328 -17.11 -18.16 -8.85
SE MSE A 328 -15.62 -17.43 -7.84
CE MSE A 328 -14.71 -19.09 -7.37
N GLU A 329 -19.66 -21.46 -7.19
CA GLU A 329 -20.21 -22.26 -6.10
C GLU A 329 -19.10 -22.60 -5.09
N LEU A 330 -19.20 -22.02 -3.90
CA LEU A 330 -18.24 -22.27 -2.84
C LEU A 330 -18.96 -22.51 -1.51
N HIS A 331 -18.63 -23.63 -0.86
CA HIS A 331 -19.29 -24.05 0.39
C HIS A 331 -20.81 -24.07 0.30
N GLY A 332 -21.32 -24.57 -0.84
CA GLY A 332 -22.77 -24.68 -1.07
C GLY A 332 -23.54 -23.37 -1.18
N GLN A 333 -22.81 -22.26 -1.28
CA GLN A 333 -23.40 -20.94 -1.53
C GLN A 333 -22.94 -20.43 -2.88
N VAL A 334 -23.66 -19.46 -3.44
CA VAL A 334 -23.34 -18.94 -4.76
C VAL A 334 -22.90 -17.48 -4.73
N ILE A 335 -21.70 -17.23 -5.24
CA ILE A 335 -21.21 -15.88 -5.45
C ILE A 335 -21.61 -15.44 -6.87
N ALA A 336 -22.54 -14.50 -6.95
CA ALA A 336 -23.04 -14.03 -8.24
C ALA A 336 -22.00 -13.15 -8.94
N ALA A 337 -22.01 -13.18 -10.28
CA ALA A 337 -21.13 -12.33 -11.07
C ALA A 337 -21.34 -10.86 -10.67
N GLY A 338 -20.25 -10.19 -10.35
CA GLY A 338 -20.30 -8.78 -9.98
C GLY A 338 -20.26 -8.52 -8.48
N ASP A 339 -20.32 -9.59 -7.69
CA ASP A 339 -20.18 -9.47 -6.24
C ASP A 339 -18.73 -9.17 -5.87
N VAL A 340 -18.54 -8.34 -4.85
CA VAL A 340 -17.20 -8.11 -4.32
C VAL A 340 -16.82 -9.29 -3.43
N VAL A 341 -15.61 -9.80 -3.62
CA VAL A 341 -15.06 -10.86 -2.79
C VAL A 341 -13.82 -10.34 -2.08
N THR A 342 -13.85 -10.32 -0.75
CA THR A 342 -12.71 -9.90 0.05
C THR A 342 -12.00 -11.08 0.70
N LEU A 343 -10.68 -11.13 0.53
CA LEU A 343 -9.85 -12.19 1.08
C LEU A 343 -9.04 -11.64 2.25
N TRP A 344 -9.13 -12.31 3.39
CA TRP A 344 -8.56 -11.76 4.62
C TRP A 344 -7.27 -12.46 5.06
N ASN A 345 -6.16 -11.81 4.73
CA ASN A 345 -4.83 -12.34 4.97
C ASN A 345 -4.58 -12.63 6.45
N ASN A 346 -4.96 -11.69 7.31
CA ASN A 346 -4.75 -11.83 8.74
C ASN A 346 -5.46 -13.04 9.34
N SER A 347 -6.66 -13.34 8.84
CA SER A 347 -7.41 -14.52 9.26
C SER A 347 -6.76 -15.79 8.72
N ALA A 348 -6.35 -15.76 7.46
CA ALA A 348 -5.66 -16.89 6.83
C ALA A 348 -4.36 -17.23 7.55
N ASN A 349 -3.66 -16.20 8.02
CA ASN A 349 -2.39 -16.37 8.74
C ASN A 349 -2.58 -16.82 10.18
N ARG A 350 -3.84 -16.99 10.58
CA ARG A 350 -4.19 -17.45 11.92
C ARG A 350 -5.06 -18.71 11.90
N ASP A 351 -5.14 -19.35 10.74
CA ASP A 351 -5.94 -20.56 10.55
C ASP A 351 -5.29 -21.76 11.24
N GLU A 352 -6.00 -22.28 12.24
CA GLU A 352 -5.56 -23.42 13.06
C GLU A 352 -5.24 -24.65 12.21
N GLU A 353 -6.01 -24.85 11.14
CA GLU A 353 -5.86 -26.01 10.27
C GLU A 353 -4.58 -25.99 9.45
N VAL A 354 -3.87 -24.86 9.46
CA VAL A 354 -2.62 -24.71 8.73
C VAL A 354 -1.45 -24.43 9.67
N PHE A 355 -1.68 -23.57 10.65
CA PHE A 355 -0.64 -23.19 11.62
C PHE A 355 -0.95 -23.76 13.01
N ALA A 356 -0.08 -24.64 13.50
CA ALA A 356 -0.18 -25.17 14.85
C ALA A 356 0.06 -24.04 15.85
N ASP A 357 -0.90 -23.82 16.74
CA ASP A 357 -0.90 -22.70 17.70
C ASP A 357 -0.68 -21.37 16.98
N PRO A 358 -1.70 -20.89 16.26
CA PRO A 358 -1.59 -19.76 15.35
C PRO A 358 -1.15 -18.48 16.04
N TYR A 359 -1.58 -18.29 17.28
CA TYR A 359 -1.33 -17.05 18.01
C TYR A 359 -0.06 -17.10 18.83
N ALA A 360 0.79 -18.09 18.55
CA ALA A 360 2.12 -18.15 19.13
C ALA A 360 3.10 -17.48 18.19
N PHE A 361 3.83 -16.50 18.69
CA PHE A 361 4.91 -15.88 17.94
C PHE A 361 6.13 -16.79 18.11
N ASP A 362 6.41 -17.60 17.08
CA ASP A 362 7.46 -18.61 17.14
C ASP A 362 8.42 -18.45 15.96
N LEU A 363 9.61 -17.92 16.24
CA LEU A 363 10.61 -17.68 15.20
C LEU A 363 11.11 -18.96 14.52
N ASN A 364 10.92 -20.09 15.16
CA ASN A 364 11.32 -21.38 14.58
C ASN A 364 10.19 -22.06 13.83
N ARG A 365 9.05 -21.40 13.76
CA ARG A 365 7.86 -21.97 13.12
C ARG A 365 8.20 -22.59 11.77
N SER A 366 7.89 -23.87 11.62
CA SER A 366 8.11 -24.58 10.37
C SER A 366 7.08 -25.70 10.20
N PRO A 367 6.41 -25.75 9.04
CA PRO A 367 6.61 -24.81 7.93
C PRO A 367 5.97 -23.46 8.20
N ASN A 368 6.36 -22.45 7.43
CA ASN A 368 5.76 -21.13 7.57
C ASN A 368 5.29 -20.58 6.23
N LYS A 369 4.33 -21.28 5.64
CA LYS A 369 3.80 -20.88 4.34
C LYS A 369 2.63 -19.90 4.49
N HIS A 370 2.93 -18.76 5.09
CA HIS A 370 1.98 -17.67 5.28
C HIS A 370 1.57 -17.04 3.95
N ILE A 371 0.59 -16.16 4.00
CA ILE A 371 0.05 -15.54 2.79
C ILE A 371 0.06 -14.01 2.86
N THR A 372 1.08 -13.49 3.54
CA THR A 372 1.29 -12.05 3.74
C THR A 372 1.56 -11.35 2.42
N PHE A 373 2.17 -12.07 1.48
CA PHE A 373 2.49 -11.52 0.17
C PHE A 373 1.47 -11.92 -0.89
N GLY A 374 0.33 -12.45 -0.45
CA GLY A 374 -0.69 -12.94 -1.37
C GLY A 374 -0.27 -14.24 -2.02
N TYR A 375 -0.90 -14.55 -3.15
CA TYR A 375 -0.68 -15.82 -3.85
C TYR A 375 -1.17 -15.73 -5.29
N GLY A 376 -0.56 -16.53 -6.17
CA GLY A 376 -0.98 -16.61 -7.57
C GLY A 376 -0.38 -15.54 -8.48
N PRO A 377 -1.09 -15.20 -9.58
CA PRO A 377 -0.62 -14.28 -10.61
C PRO A 377 -0.18 -12.92 -10.06
N HIS A 378 -0.91 -12.42 -9.06
CA HIS A 378 -0.63 -11.10 -8.48
C HIS A 378 0.27 -11.14 -7.27
N PHE A 379 0.96 -12.26 -7.04
CA PHE A 379 1.88 -12.40 -5.91
C PHE A 379 2.75 -11.16 -5.83
N CYS A 380 2.92 -10.66 -4.60
CA CYS A 380 3.61 -9.39 -4.36
C CYS A 380 4.91 -9.23 -5.16
N LEU A 381 4.96 -8.19 -5.96
CA LEU A 381 6.13 -7.91 -6.79
C LEU A 381 7.34 -7.67 -5.91
N GLY A 382 7.15 -6.88 -4.84
CA GLY A 382 8.24 -6.52 -3.94
C GLY A 382 8.48 -7.47 -2.79
N ALA A 383 8.10 -8.74 -2.96
CA ALA A 383 8.27 -9.75 -1.92
C ALA A 383 9.73 -9.91 -1.50
N TYR A 384 10.63 -10.06 -2.47
CA TYR A 384 12.05 -10.24 -2.20
C TYR A 384 12.62 -9.00 -1.52
N LEU A 385 12.17 -7.83 -1.95
CA LEU A 385 12.61 -6.56 -1.38
C LEU A 385 12.01 -6.36 0.02
N GLY A 386 10.78 -6.83 0.20
CA GLY A 386 10.09 -6.76 1.49
C GLY A 386 10.82 -7.58 2.55
N ARG A 387 11.14 -8.83 2.20
CA ARG A 387 11.95 -9.69 3.07
C ARG A 387 13.31 -9.02 3.35
N ALA A 388 13.98 -8.58 2.29
CA ALA A 388 15.29 -7.95 2.41
C ALA A 388 15.34 -6.87 3.49
N GLU A 389 14.33 -6.00 3.49
CA GLU A 389 14.27 -4.89 4.43
C GLU A 389 14.04 -5.34 5.87
N VAL A 390 13.22 -6.38 6.03
CA VAL A 390 12.98 -6.98 7.33
C VAL A 390 14.20 -7.78 7.78
N HIS A 391 14.73 -8.60 6.88
CA HIS A 391 15.96 -9.38 7.09
C HIS A 391 17.06 -8.50 7.65
N ALA A 392 17.32 -7.37 6.99
CA ALA A 392 18.36 -6.44 7.40
C ALA A 392 18.13 -5.89 8.81
N LEU A 393 16.91 -5.44 9.09
CA LEU A 393 16.56 -4.91 10.41
C LEU A 393 16.85 -5.93 11.51
N LEU A 394 16.44 -7.16 11.29
CA LEU A 394 16.67 -8.24 12.24
C LEU A 394 18.16 -8.49 12.47
N ASP A 395 18.94 -8.42 11.39
CA ASP A 395 20.39 -8.62 11.46
C ASP A 395 21.07 -7.48 12.25
N ALA A 396 20.61 -6.25 12.01
CA ALA A 396 21.15 -5.09 12.71
C ALA A 396 20.79 -5.12 14.20
N LEU A 397 19.52 -5.40 14.51
CA LEU A 397 19.05 -5.47 15.89
C LEU A 397 19.73 -6.60 16.67
N ARG A 398 19.99 -7.70 15.97
CA ARG A 398 20.62 -8.88 16.54
C ARG A 398 22.05 -8.57 16.99
N THR A 399 22.77 -7.81 16.16
CA THR A 399 24.19 -7.56 16.39
C THR A 399 24.45 -6.43 17.40
N TYR A 400 23.76 -5.31 17.25
CA TYR A 400 24.12 -4.09 17.97
C TYR A 400 23.15 -3.68 19.09
N THR A 401 22.37 -4.63 19.57
CA THR A 401 21.38 -4.35 20.60
C THR A 401 21.24 -5.56 21.54
N THR A 402 21.11 -5.28 22.84
CA THR A 402 20.89 -6.33 23.83
C THR A 402 19.40 -6.53 24.08
N GLY A 403 18.65 -5.44 24.01
CA GLY A 403 17.21 -5.46 24.22
C GLY A 403 16.61 -4.06 24.11
N PHE A 404 15.29 -3.97 24.28
CA PHE A 404 14.59 -2.68 24.18
C PHE A 404 13.29 -2.67 24.97
N GLU A 405 12.79 -1.47 25.23
CA GLU A 405 11.66 -1.27 26.14
C GLU A 405 10.77 -0.12 25.69
N ILE A 406 9.45 -0.30 25.78
CA ILE A 406 8.49 0.72 25.38
C ILE A 406 8.39 1.84 26.42
N THR A 407 8.70 3.06 26.00
CA THR A 407 8.73 4.23 26.89
C THR A 407 7.63 5.24 26.54
N GLY A 408 6.38 4.86 26.78
CA GLY A 408 5.24 5.71 26.43
C GLY A 408 4.36 5.08 25.37
N GLU A 409 3.05 5.31 25.46
CA GLU A 409 2.07 4.58 24.64
C GLU A 409 2.15 4.90 23.14
N PRO A 410 2.23 3.84 22.31
CA PRO A 410 2.35 3.99 20.86
C PRO A 410 1.02 4.39 20.20
N GLN A 411 1.12 5.03 19.04
CA GLN A 411 -0.06 5.42 18.27
C GLN A 411 -0.28 4.51 17.07
N ARG A 412 -1.50 4.03 16.92
CA ARG A 412 -1.89 3.20 15.79
C ARG A 412 -2.30 4.04 14.58
N ILE A 413 -2.13 3.49 13.38
CA ILE A 413 -2.71 4.08 12.17
C ILE A 413 -4.16 3.64 12.05
N HIS A 414 -4.93 4.39 11.26
CA HIS A 414 -6.36 4.12 11.09
C HIS A 414 -6.68 3.75 9.65
N SER A 415 -7.16 2.52 9.46
CA SER A 415 -7.43 1.98 8.12
C SER A 415 -8.20 0.67 8.20
N ASN A 416 -9.04 0.42 7.20
CA ASN A 416 -9.71 -0.87 7.04
C ASN A 416 -8.95 -1.79 6.10
N PHE A 417 -7.79 -1.32 5.64
CA PHE A 417 -6.93 -2.06 4.74
C PHE A 417 -5.63 -2.42 5.43
N LEU A 418 -4.96 -1.42 6.00
CA LEU A 418 -3.67 -1.63 6.65
C LEU A 418 -3.77 -1.69 8.17
N THR A 419 -2.80 -2.34 8.80
CA THR A 419 -2.68 -2.37 10.25
C THR A 419 -1.23 -2.19 10.68
N GLY A 420 -1.02 -1.31 11.66
CA GLY A 420 0.32 -1.01 12.15
C GLY A 420 0.37 0.20 13.06
N LEU A 421 1.54 0.80 13.17
CA LEU A 421 1.75 1.91 14.10
C LEU A 421 2.31 3.16 13.44
N SER A 422 1.86 4.31 13.93
CA SER A 422 2.36 5.61 13.47
C SER A 422 3.70 5.91 14.14
N ARG A 423 3.70 5.91 15.47
CA ARG A 423 4.91 6.12 16.26
C ARG A 423 5.08 5.05 17.35
N LEU A 424 6.33 4.77 17.71
CA LEU A 424 6.67 3.79 18.73
C LEU A 424 7.84 4.27 19.59
N PRO A 425 7.55 4.83 20.78
CA PRO A 425 8.59 5.29 21.69
C PRO A 425 9.28 4.11 22.38
N VAL A 426 10.60 4.04 22.23
CA VAL A 426 11.39 2.93 22.78
C VAL A 426 12.70 3.40 23.42
N ARG A 427 13.21 2.63 24.36
CA ARG A 427 14.59 2.78 24.82
C ARG A 427 15.38 1.56 24.36
N ILE A 428 16.45 1.82 23.62
CA ILE A 428 17.27 0.76 23.03
C ILE A 428 18.56 0.58 23.83
N GLN A 429 18.70 -0.59 24.45
CA GLN A 429 19.90 -0.94 25.21
C GLN A 429 20.99 -1.45 24.27
N PRO A 430 22.10 -0.70 24.18
CA PRO A 430 23.12 -0.90 23.17
C PRO A 430 24.02 -2.11 23.44
N ASN A 431 24.70 -2.56 22.40
CA ASN A 431 25.77 -3.53 22.53
C ASN A 431 27.09 -2.80 22.31
N GLU A 432 27.56 -2.12 23.36
CA GLU A 432 28.74 -1.27 23.30
C GLU A 432 29.97 -1.98 22.72
N ALA A 433 30.10 -3.27 23.04
CA ALA A 433 31.19 -4.10 22.50
C ALA A 433 31.15 -4.18 20.97
N ALA A 434 29.99 -4.57 20.43
CA ALA A 434 29.81 -4.71 18.99
C ALA A 434 29.81 -3.36 18.27
N ILE A 435 29.20 -2.35 18.90
CA ILE A 435 29.13 -1.00 18.34
C ILE A 435 30.51 -0.40 18.12
N ALA A 436 31.41 -0.60 19.09
CA ALA A 436 32.77 -0.06 19.02
C ALA A 436 33.60 -0.64 17.86
N ALA A 437 33.40 -1.92 17.58
CA ALA A 437 34.10 -2.60 16.47
C ALA A 437 33.61 -2.09 15.10
N TYR A 438 32.34 -1.68 15.05
CA TYR A 438 31.74 -1.11 13.84
C TYR A 438 32.37 0.25 13.50
N ASP A 439 32.93 0.91 14.51
CA ASP A 439 33.68 2.15 14.30
C ASP A 439 35.11 1.84 13.86
N SER A 440 35.26 1.51 12.57
CA SER A 440 36.55 1.14 11.99
C SER A 440 36.67 1.62 10.55
N ARG B 5 -25.42 26.25 -22.24
CA ARG B 5 -25.02 27.68 -22.08
C ARG B 5 -23.66 27.95 -22.72
N GLU B 6 -23.49 29.15 -23.26
CA GLU B 6 -22.25 29.55 -23.93
C GLU B 6 -21.20 30.09 -22.96
N PRO B 7 -19.91 29.84 -23.25
CA PRO B 7 -18.80 30.50 -22.56
C PRO B 7 -18.80 32.02 -22.79
N ARG B 8 -18.33 32.77 -21.79
CA ARG B 8 -18.43 34.24 -21.77
C ARG B 8 -17.08 34.95 -21.65
N ASN B 9 -16.00 34.18 -21.65
CA ASN B 9 -14.64 34.68 -21.51
C ASN B 9 -13.74 33.96 -22.49
N GLU B 10 -12.59 34.56 -22.77
CA GLU B 10 -11.50 33.82 -23.40
C GLU B 10 -11.14 32.67 -22.47
N THR B 11 -11.18 32.95 -21.17
CA THR B 11 -10.83 32.00 -20.11
C THR B 11 -11.81 30.83 -20.04
N GLU B 12 -13.09 31.13 -19.91
CA GLU B 12 -14.13 30.11 -19.90
C GLU B 12 -14.08 29.25 -21.16
N SER B 13 -13.89 29.89 -22.31
CA SER B 13 -13.81 29.19 -23.58
C SER B 13 -12.62 28.24 -23.63
N ARG B 14 -11.46 28.74 -23.23
CA ARG B 14 -10.24 27.93 -23.24
C ARG B 14 -10.30 26.81 -22.22
N LEU B 15 -10.82 27.10 -21.03
CA LEU B 15 -10.99 26.09 -19.98
C LEU B 15 -11.93 24.97 -20.42
N ARG B 16 -13.01 25.32 -21.11
CA ARG B 16 -13.96 24.33 -21.61
C ARG B 16 -13.34 23.42 -22.68
N ARG B 17 -12.38 23.95 -23.44
CA ARG B 17 -11.69 23.15 -24.44
C ARG B 17 -10.81 22.12 -23.74
N ILE B 18 -10.20 22.52 -22.62
CA ILE B 18 -9.36 21.62 -21.83
C ILE B 18 -10.21 20.50 -21.21
N PHE B 19 -11.37 20.86 -20.68
CA PHE B 19 -12.33 19.88 -20.15
C PHE B 19 -12.70 18.85 -21.21
N GLU B 20 -13.03 19.33 -22.41
CA GLU B 20 -13.44 18.48 -23.53
C GLU B 20 -12.30 17.54 -23.96
N GLU B 21 -11.08 18.07 -24.03
CA GLU B 21 -9.90 17.28 -24.40
C GLU B 21 -9.62 16.14 -23.42
N VAL B 22 -9.73 16.46 -22.13
CA VAL B 22 -9.40 15.53 -21.05
C VAL B 22 -10.50 14.47 -20.85
N LEU B 23 -11.76 14.91 -20.81
CA LEU B 23 -12.88 14.00 -20.62
C LEU B 23 -13.24 13.22 -21.89
N HIS B 24 -12.40 13.35 -22.92
CA HIS B 24 -12.63 12.78 -24.25
C HIS B 24 -14.11 12.91 -24.65
N SER B 25 -14.51 14.17 -24.82
CA SER B 25 -15.91 14.55 -25.01
C SER B 25 -15.98 15.85 -25.81
N GLU B 26 -17.19 16.24 -26.22
CA GLU B 26 -17.42 17.60 -26.70
C GLU B 26 -18.79 18.10 -26.23
N ASP B 27 -19.02 19.40 -26.37
CA ASP B 27 -20.19 20.09 -25.81
C ASP B 27 -20.33 19.77 -24.31
N VAL B 28 -19.30 20.19 -23.56
CA VAL B 28 -19.26 20.04 -22.11
C VAL B 28 -19.86 21.29 -21.46
N ASP B 29 -20.88 21.08 -20.63
CA ASP B 29 -21.58 22.16 -19.93
C ASP B 29 -20.59 22.96 -19.08
N VAL B 30 -20.77 24.28 -19.08
CA VAL B 30 -19.84 25.20 -18.43
C VAL B 30 -19.98 25.17 -16.91
N GLU B 31 -21.16 24.78 -16.43
CA GLU B 31 -21.43 24.70 -14.99
C GLU B 31 -21.53 23.26 -14.47
N ALA B 32 -21.34 22.29 -15.36
CA ALA B 32 -21.37 20.89 -14.99
C ALA B 32 -20.22 20.55 -14.05
N ASN B 33 -20.51 19.68 -13.09
CA ASN B 33 -19.49 19.13 -12.19
C ASN B 33 -18.59 18.17 -12.95
N PHE B 34 -17.28 18.29 -12.70
CA PHE B 34 -16.27 17.45 -13.36
C PHE B 34 -16.47 15.96 -13.11
N PHE B 35 -16.84 15.62 -11.87
CA PHE B 35 -17.08 14.22 -11.49
C PHE B 35 -18.37 13.68 -12.09
N GLU B 36 -19.44 14.49 -12.03
CA GLU B 36 -20.75 14.12 -12.57
C GLU B 36 -20.73 13.90 -14.09
N LEU B 37 -19.71 14.45 -14.76
CA LEU B 37 -19.47 14.16 -16.17
C LEU B 37 -18.69 12.85 -16.36
N GLY B 38 -18.50 12.11 -15.26
CA GLY B 38 -17.71 10.89 -15.25
C GLY B 38 -16.21 11.17 -15.19
N GLY B 39 -15.82 12.00 -14.23
CA GLY B 39 -14.43 12.43 -14.11
C GLY B 39 -13.69 11.71 -13.00
N HIS B 40 -12.64 10.98 -13.38
CA HIS B 40 -11.85 10.21 -12.42
C HIS B 40 -10.45 10.80 -12.20
N SER B 41 -9.62 10.07 -11.46
CA SER B 41 -8.35 10.59 -10.94
C SER B 41 -7.32 11.04 -11.97
N LEU B 42 -6.89 10.15 -12.86
CA LEU B 42 -5.81 10.49 -13.77
C LEU B 42 -6.23 11.59 -14.76
N GLN B 43 -7.51 11.57 -15.14
CA GLN B 43 -8.09 12.69 -15.87
C GLN B 43 -7.83 14.00 -15.11
N ALA B 44 -8.30 14.06 -13.86
CA ALA B 44 -8.16 15.24 -13.01
C ALA B 44 -6.71 15.71 -12.88
N THR B 45 -5.78 14.77 -12.93
CA THR B 45 -4.36 15.07 -12.85
C THR B 45 -3.91 15.79 -14.12
N LYS B 46 -4.24 15.22 -15.27
CA LYS B 46 -3.93 15.84 -16.56
C LYS B 46 -4.60 17.21 -16.66
N LEU B 47 -5.83 17.30 -16.18
CA LEU B 47 -6.60 18.54 -16.16
C LEU B 47 -5.89 19.64 -15.36
N VAL B 48 -5.58 19.36 -14.10
CA VAL B 48 -4.96 20.32 -13.21
C VAL B 48 -3.55 20.74 -13.66
N SER B 49 -2.76 19.79 -14.14
CA SER B 49 -1.39 20.07 -14.57
C SER B 49 -1.35 20.95 -15.82
N ARG B 50 -2.37 20.83 -16.67
CA ARG B 50 -2.48 21.64 -17.88
C ARG B 50 -2.92 23.07 -17.59
N ILE B 51 -3.91 23.22 -16.71
CA ILE B 51 -4.37 24.54 -16.26
C ILE B 51 -3.25 25.33 -15.59
N ARG B 52 -2.44 24.64 -14.80
CA ARG B 52 -1.31 25.25 -14.09
C ARG B 52 -0.31 25.88 -15.05
N SER B 53 0.03 25.14 -16.11
CA SER B 53 1.02 25.58 -17.08
C SER B 53 0.48 26.65 -18.03
N GLU B 54 -0.66 26.38 -18.65
CA GLU B 54 -1.27 27.25 -19.66
C GLU B 54 -1.66 28.64 -19.14
N PHE B 55 -2.03 28.73 -17.87
CA PHE B 55 -2.41 30.00 -17.27
C PHE B 55 -1.36 30.57 -16.32
N ASP B 56 -0.24 29.84 -16.20
CA ASP B 56 0.92 30.23 -15.38
C ASP B 56 0.53 30.60 -13.94
N ALA B 57 -0.50 29.93 -13.43
CA ALA B 57 -1.00 30.17 -12.08
C ALA B 57 -0.99 28.89 -11.25
N GLU B 58 -0.43 28.97 -10.05
CA GLU B 58 -0.41 27.85 -9.13
C GLU B 58 -1.83 27.57 -8.64
N LEU B 59 -2.37 26.44 -9.08
CA LEU B 59 -3.71 26.01 -8.68
C LEU B 59 -3.59 24.86 -7.69
N PRO B 60 -3.90 25.12 -6.41
CA PRO B 60 -3.90 24.06 -5.41
C PRO B 60 -5.01 23.06 -5.72
N LEU B 61 -4.66 21.78 -5.66
CA LEU B 61 -5.59 20.70 -5.98
C LEU B 61 -6.87 20.76 -5.16
N ARG B 62 -6.76 21.21 -3.90
CA ARG B 62 -7.90 21.30 -3.00
C ARG B 62 -8.97 22.25 -3.55
N ASP B 63 -8.53 23.42 -4.00
CA ASP B 63 -9.43 24.42 -4.59
C ASP B 63 -10.12 23.90 -5.84
N PHE B 64 -9.39 23.12 -6.64
CA PHE B 64 -10.00 22.41 -7.76
C PHE B 64 -11.11 21.48 -7.28
N PHE B 65 -10.87 20.75 -6.19
CA PHE B 65 -11.86 19.80 -5.68
C PHE B 65 -13.16 20.49 -5.24
N GLU B 66 -13.02 21.69 -4.67
CA GLU B 66 -14.16 22.48 -4.21
C GLU B 66 -14.97 23.03 -5.38
N HIS B 67 -14.28 23.59 -6.36
CA HIS B 67 -14.92 24.19 -7.53
C HIS B 67 -14.47 23.49 -8.82
N PRO B 68 -15.01 22.28 -9.09
CA PRO B 68 -14.55 21.48 -10.22
C PRO B 68 -15.40 21.71 -11.47
N ASN B 69 -15.58 22.97 -11.84
CA ASN B 69 -16.35 23.34 -13.02
C ASN B 69 -15.68 24.47 -13.80
N VAL B 70 -15.92 24.51 -15.10
CA VAL B 70 -15.34 25.51 -15.98
C VAL B 70 -15.64 26.93 -15.50
N ALA B 71 -16.91 27.17 -15.14
CA ALA B 71 -17.36 28.46 -14.63
C ALA B 71 -16.60 28.91 -13.40
N GLY B 72 -16.57 28.05 -12.37
CA GLY B 72 -15.91 28.35 -11.10
C GLY B 72 -14.41 28.50 -11.19
N LEU B 73 -13.77 27.66 -12.00
CA LEU B 73 -12.32 27.70 -12.17
C LEU B 73 -11.87 29.00 -12.82
N ALA B 74 -12.68 29.54 -13.71
CA ALA B 74 -12.41 30.81 -14.37
C ALA B 74 -12.28 31.94 -13.35
N VAL B 75 -13.30 32.05 -12.50
CA VAL B 75 -13.31 33.05 -11.41
C VAL B 75 -12.03 32.97 -10.57
N LEU B 76 -11.64 31.75 -10.19
CA LEU B 76 -10.47 31.51 -9.34
C LEU B 76 -9.14 31.88 -10.02
N ILE B 77 -9.01 31.56 -11.29
CA ILE B 77 -7.84 31.94 -12.07
C ILE B 77 -7.76 33.46 -12.20
N GLY B 78 -8.92 34.10 -12.26
CA GLY B 78 -9.02 35.56 -12.30
C GLY B 78 -8.69 36.21 -10.97
N GLY B 79 -9.54 35.99 -9.98
CA GLY B 79 -9.37 36.57 -8.64
C GLY B 79 -8.17 36.03 -7.89
CHA HEM C . 1.15 -7.01 -4.56
CHB HEM C . 1.60 -7.36 0.26
CHC HEM C . 6.00 -5.34 -0.08
CHD HEM C . 4.84 -3.80 -4.52
C1A HEM C . 0.93 -7.38 -3.25
C2A HEM C . -0.09 -8.29 -2.78
C3A HEM C . 0.03 -8.38 -1.45
C4A HEM C . 1.14 -7.55 -1.03
CMA HEM C . -0.86 -9.25 -0.51
CAA HEM C . -1.14 -8.98 -3.67
CBA HEM C . -2.28 -8.01 -3.91
CGA HEM C . -3.34 -8.60 -4.81
O1A HEM C . -3.36 -9.85 -4.98
O2A HEM C . -4.17 -7.83 -5.36
C1B HEM C . 2.82 -6.85 0.63
C2B HEM C . 3.40 -6.76 1.97
C3B HEM C . 4.61 -6.20 1.86
C4B HEM C . 4.86 -5.91 0.46
CMB HEM C . 2.70 -7.23 3.26
CAB HEM C . 5.60 -5.89 3.02
CBB HEM C . 6.09 -6.86 3.80
C1C HEM C . 6.07 -4.72 -1.30
C2C HEM C . 7.14 -3.88 -1.78
C3C HEM C . 6.82 -3.45 -3.01
C4C HEM C . 5.52 -4.00 -3.35
CMC HEM C . 8.43 -3.54 -1.01
CAC HEM C . 7.67 -2.52 -3.90
CBC HEM C . 8.10 -2.95 -5.10
C1D HEM C . 3.77 -4.55 -4.99
C2D HEM C . 3.22 -4.49 -6.32
C3D HEM C . 2.06 -5.50 -6.34
C4D HEM C . 2.03 -6.05 -5.01
CMD HEM C . 3.70 -3.60 -7.50
CAD HEM C . 1.13 -5.85 -7.53
CBD HEM C . 1.64 -7.12 -8.21
CGD HEM C . 0.68 -7.63 -9.26
O1D HEM C . 1.05 -8.57 -10.00
O2D HEM C . -0.48 -7.13 -9.36
NA HEM C . 1.67 -6.96 -2.16
NB HEM C . 3.76 -6.32 -0.25
NC HEM C . 5.10 -4.77 -2.29
ND HEM C . 3.04 -5.48 -4.25
FE HEM C . 3.38 -5.90 -2.24
C16 KH4 D . -7.04 4.33 -6.51
O3 KH4 D . -7.90 4.97 -5.90
C17 KH4 D . -6.64 4.71 -7.90
O4 KH4 D . -6.14 3.48 -8.44
C18 KH4 D . -5.87 5.97 -8.21
C19 KH4 D . -6.66 7.19 -7.80
C20 KH4 D . -4.58 5.98 -7.45
C21 KH4 D . -5.59 6.06 -9.68
P KH4 D . -9.06 8.35 -8.33
O1P KH4 D . -10.12 8.00 -9.48
O2P KH4 D . -8.03 7.14 -8.18
O3P KH4 D . -9.85 8.58 -6.93
N2 KH4 D . -6.37 3.20 -5.91
C15 KH4 D . -6.65 2.75 -4.56
C14 KH4 D . -5.37 2.91 -3.73
C13 KH4 D . -4.49 1.71 -3.96
O2 KH4 D . -5.01 0.64 -4.28
C4 KH4 D . 1.39 -4.17 -2.30
N3 KH4 D . 2.48 -4.29 -1.48
C2 KH4 D . 2.53 -3.20 -0.67
N4 KH4 D . 1.50 -2.34 -0.95
C5 KH4 D . 0.75 -2.89 -1.94
O6 KH4 D . -1.14 -2.69 -3.37
C22 KH4 D . -0.46 -2.19 -2.47
S1 KH4 D . -0.91 -0.59 -1.76
C11 KH4 D . -2.39 -0.30 -2.79
C12 KH4 D . -2.22 0.72 -3.93
N1 KH4 D . -3.16 1.83 -3.78
#